data_8EST
#
_entry.id   8EST
#
_cell.length_a   50.620
_cell.length_b   58.260
_cell.length_c   75.240
_cell.angle_alpha   90.00
_cell.angle_beta   90.00
_cell.angle_gamma   90.00
#
_symmetry.space_group_name_H-M   'P 21 21 21'
#
loop_
_entity.id
_entity.type
_entity.pdbx_description
1 polymer 'PORCINE PANCREATIC ELASTASE'
2 non-polymer 'SULFATE ION'
3 non-polymer 'CALCIUM ION'
4 non-polymer ETHYL-(2-CARBOXY-4-GUANIDINIUM-PHENYL)-CHLOROACETATE
5 water water
#
_entity_poly.entity_id   1
_entity_poly.type   'polypeptide(L)'
_entity_poly.pdbx_seq_one_letter_code
;VVGGTEAQRNSWPSQISLQYRSGSSWAHTCGGTLIRQNWVMTAAHCVDRELTFRVVVGEHNLNQNNGTEQYVGVQKIVVH
PYWNTDDVAAGYDIALLRLAQSVTLNSYVQLGVLPRAGTILANNSPCYITGWGLTRTNGQLAQTLQQAYLPTVDYAICSS
SSYWGSTVKNSMVCAGGDGVRSGCQGDSGGPLHCLVNGQYAVHGVTSFVSRLGCNVTRKPTVFTRVSAYISWINNVIASN
;
_entity_poly.pdbx_strand_id   E
#
# COMPACT_ATOMS: atom_id res chain seq x y z
N VAL A 1 -7.28 -3.79 -7.22
CA VAL A 1 -6.29 -4.18 -8.28
C VAL A 1 -7.05 -4.52 -9.56
N VAL A 2 -6.71 -3.80 -10.64
CA VAL A 2 -7.23 -4.18 -11.99
C VAL A 2 -6.32 -5.19 -12.73
N GLY A 3 -6.90 -6.24 -13.31
CA GLY A 3 -6.11 -7.26 -13.99
C GLY A 3 -5.32 -8.18 -13.04
N GLY A 4 -5.84 -8.27 -11.80
CA GLY A 4 -5.20 -9.06 -10.78
C GLY A 4 -5.49 -10.54 -11.01
N THR A 5 -4.81 -11.37 -10.19
CA THR A 5 -5.24 -12.76 -9.97
C THR A 5 -5.42 -12.95 -8.45
N GLU A 6 -6.31 -13.84 -8.03
CA GLU A 6 -6.42 -14.07 -6.60
C GLU A 6 -5.12 -14.55 -6.01
N ALA A 7 -4.76 -13.88 -4.93
CA ALA A 7 -3.63 -14.22 -4.10
C ALA A 7 -3.78 -15.55 -3.35
N GLN A 8 -2.72 -16.37 -3.28
CA GLN A 8 -2.85 -17.51 -2.35
C GLN A 8 -2.88 -17.09 -0.87
N ARG A 9 -3.58 -17.83 0.05
CA ARG A 9 -3.79 -17.40 1.46
C ARG A 9 -2.60 -16.84 2.23
N ASN A 10 -1.46 -17.46 1.96
CA ASN A 10 -0.30 -17.29 2.80
C ASN A 10 0.86 -16.62 2.08
N SER A 11 0.57 -16.12 0.87
CA SER A 11 1.65 -15.48 0.12
C SER A 11 2.12 -14.12 0.63
N TRP A 12 1.15 -13.27 1.01
CA TRP A 12 1.48 -11.91 1.47
C TRP A 12 1.14 -11.54 2.93
N PRO A 13 1.67 -12.23 3.90
CA PRO A 13 1.17 -12.17 5.26
C PRO A 13 1.32 -10.83 5.98
N SER A 14 2.01 -9.85 5.36
CA SER A 14 2.15 -8.53 5.98
C SER A 14 1.08 -7.53 5.50
N GLN A 15 0.25 -7.98 4.52
CA GLN A 15 -0.86 -7.21 4.02
C GLN A 15 -1.92 -7.14 5.08
N ILE A 16 -2.39 -5.94 5.28
CA ILE A 16 -3.55 -5.66 6.21
C ILE A 16 -4.69 -4.95 5.49
N SER A 17 -5.89 -5.05 6.06
CA SER A 17 -7.02 -4.21 5.63
C SER A 17 -7.28 -3.15 6.71
N LEU A 18 -7.22 -1.89 6.22
CA LEU A 18 -7.60 -0.76 7.05
C LEU A 18 -9.06 -0.38 6.79
N GLN A 19 -9.86 -0.52 7.87
CA GLN A 19 -11.34 -0.38 7.86
C GLN A 19 -11.87 0.74 8.76
N TYR A 20 -12.96 1.33 8.37
CA TYR A 20 -13.62 2.35 9.22
C TYR A 20 -15.04 1.95 9.58
N ARG A 21 -15.44 2.46 10.75
CA ARG A 21 -16.75 2.15 11.33
C ARG A 21 -17.82 2.91 10.59
N SER A 22 -18.53 2.17 9.72
CA SER A 22 -19.41 2.78 8.76
C SER A 22 -20.86 2.55 9.13
N GLY A 23 -21.43 3.58 9.79
CA GLY A 23 -22.74 3.44 10.40
C GLY A 23 -22.65 2.56 11.65
N SER A 24 -23.00 1.27 11.41
CA SER A 24 -22.87 0.17 12.38
C SER A 24 -22.10 -1.05 11.85
N SER A 25 -21.57 -0.88 10.63
CA SER A 25 -20.71 -1.88 9.97
C SER A 25 -19.24 -1.40 9.92
N TRP A 26 -18.41 -2.20 9.26
CA TRP A 26 -16.99 -1.79 9.08
C TRP A 26 -16.70 -1.92 7.60
N ALA A 27 -16.19 -0.84 7.00
CA ALA A 27 -15.87 -0.87 5.58
C ALA A 27 -14.36 -0.84 5.38
N HIS A 28 -13.91 -1.72 4.46
CA HIS A 28 -12.57 -1.64 3.87
C HIS A 28 -12.36 -0.29 3.22
N THR A 29 -11.23 0.43 3.59
CA THR A 29 -10.97 1.69 2.91
C THR A 29 -9.63 1.75 2.21
N CYS A 30 -8.70 0.94 2.75
CA CYS A 30 -7.31 1.05 2.35
C CYS A 30 -6.60 -0.25 2.57
N GLY A 31 -5.43 -0.37 1.94
CA GLY A 31 -4.51 -1.41 2.50
C GLY A 31 -3.43 -0.84 3.43
N GLY A 32 -2.47 -1.72 3.84
CA GLY A 32 -1.37 -1.28 4.71
C GLY A 32 -0.40 -2.43 4.80
N THR A 33 0.72 -2.18 5.48
CA THR A 33 1.63 -3.25 5.86
C THR A 33 1.94 -3.25 7.35
N LEU A 34 1.89 -4.42 7.90
CA LEU A 34 2.38 -4.66 9.25
C LEU A 34 3.93 -4.64 9.27
N ILE A 35 4.54 -3.73 10.05
CA ILE A 35 6.01 -3.58 10.12
C ILE A 35 6.56 -3.87 11.52
N ARG A 36 5.67 -3.90 12.52
CA ARG A 36 5.92 -4.24 13.90
C ARG A 36 4.68 -4.95 14.40
N GLN A 37 4.78 -5.82 15.44
CA GLN A 37 3.56 -6.48 15.99
C GLN A 37 2.47 -5.49 16.41
N ASN A 38 2.89 -4.20 16.66
CA ASN A 38 1.93 -3.09 17.01
C ASN A 38 2.00 -1.83 16.15
N TRP A 39 2.65 -1.96 14.94
CA TRP A 39 2.77 -0.88 13.97
C TRP A 39 2.41 -1.35 12.57
N VAL A 40 1.61 -0.47 11.97
CA VAL A 40 1.20 -0.55 10.57
C VAL A 40 1.68 0.69 9.78
N MET A 41 2.18 0.40 8.55
CA MET A 41 2.53 1.44 7.62
C MET A 41 1.44 1.51 6.55
N THR A 42 0.85 2.69 6.35
CA THR A 42 -0.11 2.87 5.24
C THR A 42 0.11 4.27 4.61
N ALA A 43 -0.84 4.76 3.77
CA ALA A 43 -0.76 6.07 3.13
C ALA A 43 -1.45 7.12 4.01
N ALA A 44 -0.91 8.34 4.10
CA ALA A 44 -1.55 9.40 4.87
C ALA A 44 -2.95 9.78 4.34
N HIS A 45 -3.14 9.73 2.97
CA HIS A 45 -4.42 9.86 2.28
C HIS A 45 -5.53 8.99 2.91
N CYS A 46 -5.15 7.82 3.46
CA CYS A 46 -6.09 6.92 4.11
C CYS A 46 -6.63 7.42 5.44
N VAL A 47 -5.90 8.34 6.09
CA VAL A 47 -6.37 8.86 7.36
C VAL A 47 -6.73 10.35 7.38
N ASP A 48 -7.03 10.87 6.22
CA ASP A 48 -7.41 12.30 6.13
C ASP A 48 -8.79 12.59 6.75
N ARG A 49 -9.55 11.52 6.92
CA ARG A 49 -10.81 11.66 7.64
C ARG A 49 -10.82 11.12 9.06
N GLU A 50 -11.56 11.83 9.92
CA GLU A 50 -11.47 11.54 11.34
C GLU A 50 -12.52 10.55 11.80
N LEU A 51 -12.14 9.32 11.49
CA LEU A 51 -12.96 8.16 11.48
C LEU A 51 -12.54 7.28 12.65
N THR A 52 -13.36 6.28 13.00
CA THR A 52 -12.89 5.22 13.89
C THR A 52 -12.30 4.14 12.99
N PHE A 53 -10.99 3.87 13.21
CA PHE A 53 -10.26 2.95 12.34
C PHE A 53 -10.04 1.62 12.99
N ARG A 54 -10.02 0.51 12.17
CA ARG A 54 -9.45 -0.76 12.65
C ARG A 54 -8.60 -1.40 11.56
N VAL A 55 -7.69 -2.27 12.02
CA VAL A 55 -6.84 -3.00 11.14
C VAL A 55 -7.21 -4.47 11.27
N VAL A 56 -7.29 -5.11 10.11
CA VAL A 56 -7.45 -6.56 10.05
C VAL A 56 -6.20 -7.23 9.48
N VAL A 57 -5.64 -8.14 10.31
CA VAL A 57 -4.57 -9.02 9.83
C VAL A 57 -5.10 -10.44 9.62
N GLY A 58 -4.40 -11.22 8.73
CA GLY A 58 -4.70 -12.63 8.44
C GLY A 58 -6.03 -12.70 7.72
N GLU A 59 -6.28 -11.62 6.99
CA GLU A 59 -7.48 -11.40 6.17
C GLU A 59 -7.21 -11.90 4.75
N HIS A 60 -8.15 -12.70 4.19
CA HIS A 60 -8.07 -13.09 2.75
C HIS A 60 -9.39 -12.70 2.03
N ASN A 61 -10.57 -13.00 2.69
CA ASN A 61 -11.92 -12.64 2.17
C ASN A 61 -12.64 -11.60 3.04
N LEU A 62 -12.83 -10.42 2.47
CA LEU A 62 -13.37 -9.35 3.28
C LEU A 62 -14.74 -9.71 3.86
N ASN A 63 -15.50 -10.48 3.05
CA ASN A 63 -16.91 -10.74 3.38
C ASN A 63 -17.19 -12.13 3.98
N GLN A 64 -16.13 -12.89 4.23
CA GLN A 64 -16.31 -14.24 4.81
C GLN A 64 -15.33 -14.46 5.94
N ASN A 65 -15.65 -15.46 6.75
CA ASN A 65 -14.76 -15.80 7.83
C ASN A 65 -13.71 -16.80 7.36
N ASN A 66 -12.46 -16.28 7.30
CA ASN A 66 -11.27 -17.08 6.94
C ASN A 66 -10.83 -17.99 8.09
N GLY A 67 -11.20 -17.65 9.35
CA GLY A 67 -10.76 -18.53 10.37
C GLY A 67 -9.35 -18.19 10.85
N THR A 68 -8.75 -17.08 10.34
CA THR A 68 -7.33 -16.69 10.52
C THR A 68 -7.16 -15.24 10.94
N GLU A 69 -8.32 -14.51 10.95
CA GLU A 69 -8.29 -13.05 11.14
C GLU A 69 -7.94 -12.71 12.58
N GLN A 70 -7.25 -11.57 12.74
CA GLN A 70 -7.11 -10.77 14.00
C GLN A 70 -7.60 -9.34 13.78
N TYR A 71 -8.52 -8.88 14.65
CA TYR A 71 -9.07 -7.54 14.48
C TYR A 71 -8.58 -6.63 15.60
N VAL A 72 -7.95 -5.50 15.27
CA VAL A 72 -7.24 -4.65 16.27
C VAL A 72 -7.61 -3.22 16.02
N GLY A 73 -7.90 -2.54 17.15
CA GLY A 73 -8.02 -1.07 17.08
C GLY A 73 -6.73 -0.32 16.73
N VAL A 74 -6.89 0.90 16.21
CA VAL A 74 -5.77 1.85 16.08
C VAL A 74 -5.80 2.71 17.37
N GLN A 75 -4.63 2.71 18.02
CA GLN A 75 -4.37 3.51 19.22
C GLN A 75 -3.86 4.92 18.90
N LYS A 76 -3.00 5.05 17.85
CA LYS A 76 -2.45 6.37 17.54
C LYS A 76 -2.15 6.47 16.04
N ILE A 77 -2.31 7.68 15.51
CA ILE A 77 -2.01 7.92 14.11
C ILE A 77 -0.97 9.01 13.90
N VAL A 78 0.12 8.63 13.22
CA VAL A 78 1.21 9.55 12.90
C VAL A 78 1.35 9.74 11.40
N VAL A 79 0.96 10.90 10.94
CA VAL A 79 1.13 11.23 9.55
C VAL A 79 2.42 11.97 9.36
N HIS A 80 2.95 11.92 8.14
CA HIS A 80 4.19 12.59 7.85
C HIS A 80 3.97 14.11 7.91
N PRO A 81 4.79 14.81 8.75
CA PRO A 81 4.66 16.26 8.98
C PRO A 81 4.49 17.08 7.68
N TYR A 82 5.00 16.54 6.55
CA TYR A 82 4.93 17.33 5.29
C TYR A 82 3.73 16.97 4.42
N TRP A 83 2.94 15.96 4.85
CA TRP A 83 1.73 15.55 4.08
C TRP A 83 0.71 16.67 3.97
N ASN A 84 0.19 16.84 2.77
CA ASN A 84 -0.93 17.79 2.55
C ASN A 84 -1.85 17.15 1.54
N THR A 85 -3.01 16.87 2.11
CA THR A 85 -4.22 16.33 1.41
C THR A 85 -4.52 16.88 0.01
N ASP A 86 -4.39 18.22 -0.14
CA ASP A 86 -4.58 19.00 -1.39
C ASP A 86 -3.42 18.94 -2.37
N ASP A 87 -2.31 18.27 -1.99
CA ASP A 87 -1.13 18.28 -2.87
C ASP A 87 -0.43 16.91 -2.84
N VAL A 88 -1.16 15.90 -3.31
CA VAL A 88 -0.66 14.50 -3.21
C VAL A 88 0.57 14.34 -4.12
N ALA A 89 0.67 15.28 -5.11
CA ALA A 89 1.81 15.28 -6.05
C ALA A 89 3.11 15.62 -5.34
N ALA A 90 2.96 16.22 -4.15
CA ALA A 90 4.13 16.64 -3.44
C ALA A 90 4.87 15.46 -2.84
N GLY A 91 4.09 14.40 -2.66
CA GLY A 91 4.57 13.18 -1.98
C GLY A 91 4.26 13.18 -0.47
N TYR A 92 5.20 12.61 0.34
CA TYR A 92 5.05 12.48 1.77
C TYR A 92 3.78 11.69 2.14
N ASP A 93 3.29 10.91 1.21
CA ASP A 93 2.07 10.13 1.44
C ASP A 93 2.37 8.86 2.21
N ILE A 94 2.60 9.07 3.49
CA ILE A 94 2.84 7.94 4.42
C ILE A 94 2.39 8.24 5.86
N ALA A 95 1.82 7.20 6.46
CA ALA A 95 1.32 7.24 7.82
C ALA A 95 1.76 5.98 8.55
N LEU A 96 1.99 6.11 9.84
CA LEU A 96 2.21 4.97 10.68
C LEU A 96 1.07 4.91 11.69
N LEU A 97 0.59 3.70 11.90
CA LEU A 97 -0.49 3.44 12.87
C LEU A 97 -0.01 2.57 14.01
N ARG A 98 -0.16 3.11 15.22
CA ARG A 98 0.10 2.29 16.43
C ARG A 98 -1.20 1.57 16.83
N LEU A 99 -1.15 0.25 16.81
CA LEU A 99 -2.24 -0.66 17.16
C LEU A 99 -2.46 -0.79 18.67
N ALA A 100 -3.71 -1.01 19.05
CA ALA A 100 -4.07 -1.02 20.50
C ALA A 100 -3.61 -2.30 21.16
N GLN A 101 -3.29 -3.30 20.32
CA GLN A 101 -2.67 -4.52 20.78
C GLN A 101 -1.55 -4.92 19.83
N SER A 102 -0.62 -5.74 20.36
CA SER A 102 0.28 -6.47 19.46
C SER A 102 -0.38 -7.74 18.96
N VAL A 103 -0.28 -7.89 17.63
CA VAL A 103 -0.85 -9.07 17.01
C VAL A 103 0.08 -10.27 17.22
N THR A 104 -0.49 -11.45 17.02
CA THR A 104 0.24 -12.72 17.01
C THR A 104 0.72 -13.11 15.60
N LEU A 105 2.02 -13.36 15.53
CA LEU A 105 2.55 -13.75 14.25
C LEU A 105 2.34 -15.21 13.99
N ASN A 106 2.06 -15.55 12.73
CA ASN A 106 1.94 -16.94 12.27
C ASN A 106 2.16 -17.04 10.76
N SER A 107 1.74 -18.12 10.12
CA SER A 107 1.92 -18.19 8.65
C SER A 107 1.10 -17.21 7.79
N TYR A 108 0.07 -16.63 8.45
CA TYR A 108 -0.85 -15.72 7.84
C TYR A 108 -0.56 -14.28 8.26
N VAL A 109 0.30 -14.18 9.28
CA VAL A 109 0.60 -12.88 9.90
C VAL A 109 2.09 -12.71 10.21
N GLN A 110 2.76 -11.99 9.29
CA GLN A 110 4.21 -11.71 9.40
C GLN A 110 4.56 -10.25 9.23
N LEU A 111 5.74 -9.87 9.68
CA LEU A 111 6.14 -8.48 9.41
C LEU A 111 6.62 -8.31 7.96
N GLY A 112 6.37 -7.14 7.39
CA GLY A 112 6.86 -6.65 6.11
C GLY A 112 8.34 -6.31 6.24
N VAL A 113 9.16 -6.81 5.33
CA VAL A 113 10.61 -6.46 5.35
C VAL A 113 10.81 -5.13 4.58
N LEU A 114 11.45 -4.14 5.18
CA LEU A 114 11.64 -2.88 4.50
C LEU A 114 13.04 -2.86 3.86
N PRO A 115 13.16 -2.09 2.76
CA PRO A 115 14.44 -1.92 2.12
C PRO A 115 15.41 -1.16 3.05
N ARG A 116 16.67 -1.24 2.67
CA ARG A 116 17.65 -0.33 3.23
C ARG A 116 17.40 1.07 2.70
N ALA A 117 17.65 2.11 3.53
CA ALA A 117 17.59 3.53 3.13
C ALA A 117 18.29 3.83 1.80
N GLY A 118 17.63 4.70 0.96
CA GLY A 118 18.23 5.19 -0.31
C GLY A 118 18.26 4.17 -1.46
N THR A 119 17.83 2.91 -1.18
CA THR A 119 17.78 1.89 -2.26
C THR A 119 16.80 2.30 -3.37
N ILE A 120 17.30 2.26 -4.62
CA ILE A 120 16.46 2.51 -5.82
C ILE A 120 16.55 1.31 -6.76
N LEU A 121 15.40 0.80 -7.20
CA LEU A 121 15.35 -0.39 -8.05
C LEU A 121 15.73 -0.07 -9.48
N ALA A 122 16.30 -1.07 -10.16
CA ALA A 122 16.60 -0.93 -11.58
C ALA A 122 15.30 -0.95 -12.37
N ASN A 123 15.22 -0.19 -13.44
CA ASN A 123 14.06 -0.16 -14.34
C ASN A 123 13.60 -1.59 -14.67
N ASN A 124 12.29 -1.79 -14.85
CA ASN A 124 11.75 -3.13 -15.13
C ASN A 124 12.09 -4.22 -14.09
N SER A 125 12.15 -3.76 -12.81
CA SER A 125 12.26 -4.68 -11.69
C SER A 125 10.94 -5.37 -11.33
N PRO A 126 11.06 -6.68 -10.99
CA PRO A 126 9.93 -7.59 -10.68
C PRO A 126 9.22 -7.29 -9.35
N CYS A 127 7.98 -6.74 -9.45
CA CYS A 127 7.19 -6.40 -8.26
C CYS A 127 5.73 -6.81 -8.39
N TYR A 128 5.12 -6.95 -7.24
CA TYR A 128 3.70 -7.29 -7.17
C TYR A 128 2.98 -6.24 -6.32
N ILE A 129 1.83 -5.78 -6.82
CA ILE A 129 0.87 -5.00 -6.02
C ILE A 129 -0.17 -5.97 -5.48
N THR A 130 -0.57 -5.72 -4.21
CA THR A 130 -1.61 -6.53 -3.60
C THR A 130 -2.68 -5.62 -3.00
N GLY A 131 -3.96 -6.02 -3.09
CA GLY A 131 -5.03 -5.26 -2.34
C GLY A 131 -6.43 -5.76 -2.71
N TRP A 132 -7.40 -5.29 -1.94
CA TRP A 132 -8.80 -5.67 -2.20
C TRP A 132 -9.53 -4.53 -2.93
N GLY A 133 -8.78 -3.58 -3.60
CA GLY A 133 -9.48 -2.47 -4.24
C GLY A 133 -10.08 -2.87 -5.56
N LEU A 134 -10.75 -1.80 -6.19
CA LEU A 134 -11.58 -1.94 -7.40
C LEU A 134 -10.92 -2.82 -8.45
N THR A 135 -11.63 -3.83 -8.92
CA THR A 135 -11.06 -4.68 -9.99
C THR A 135 -11.27 -4.13 -11.39
N ARG A 136 -11.97 -2.96 -11.45
CA ARG A 136 -12.08 -2.15 -12.69
C ARG A 136 -12.11 -0.70 -12.30
N THR A 137 -11.77 0.22 -13.23
CA THR A 137 -12.10 1.63 -13.06
C THR A 137 -13.62 1.80 -12.90
N ASN A 138 -14.04 2.46 -11.80
CA ASN A 138 -15.46 2.66 -11.41
C ASN A 138 -16.21 1.37 -11.13
N GLY A 139 -15.44 0.30 -10.76
CA GLY A 139 -15.95 -1.04 -10.46
C GLY A 139 -16.32 -1.19 -8.97
N GLN A 140 -16.20 -2.40 -8.51
CA GLN A 140 -16.35 -2.66 -7.09
C GLN A 140 -15.08 -3.28 -6.51
N LEU A 141 -14.97 -3.22 -5.19
CA LEU A 141 -13.93 -3.92 -4.43
C LEU A 141 -13.87 -5.42 -4.78
N ALA A 142 -12.66 -5.90 -4.66
CA ALA A 142 -12.49 -7.37 -4.64
C ALA A 142 -12.95 -8.00 -3.33
N GLN A 143 -13.52 -9.22 -3.41
CA GLN A 143 -13.81 -9.88 -2.09
C GLN A 143 -12.56 -10.53 -1.52
N THR A 144 -11.78 -11.17 -2.41
CA THR A 144 -10.54 -11.86 -2.05
C THR A 144 -9.29 -11.05 -2.40
N LEU A 145 -8.21 -11.30 -1.60
CA LEU A 145 -7.00 -10.50 -1.93
C LEU A 145 -6.52 -10.76 -3.37
N GLN A 146 -6.29 -9.65 -4.08
CA GLN A 146 -5.77 -9.75 -5.43
C GLN A 146 -4.32 -9.37 -5.51
N GLN A 147 -3.63 -9.95 -6.48
CA GLN A 147 -2.24 -9.56 -6.76
C GLN A 147 -2.08 -9.22 -8.23
N ALA A 148 -1.20 -8.24 -8.53
CA ALA A 148 -0.83 -7.98 -9.94
C ALA A 148 0.65 -7.80 -10.09
N TYR A 149 1.19 -8.42 -11.17
CA TYR A 149 2.62 -8.23 -11.52
C TYR A 149 2.84 -6.93 -12.24
N LEU A 150 3.72 -6.10 -11.56
CA LEU A 150 3.82 -4.68 -11.92
C LEU A 150 5.28 -4.25 -11.89
N PRO A 151 5.96 -4.36 -13.01
CA PRO A 151 7.36 -3.96 -13.12
C PRO A 151 7.52 -2.47 -12.85
N THR A 152 8.67 -2.14 -12.23
CA THR A 152 9.01 -0.74 -12.07
C THR A 152 9.33 -0.06 -13.40
N VAL A 153 9.08 1.22 -13.33
CA VAL A 153 9.39 2.17 -14.36
C VAL A 153 10.24 3.26 -13.73
N ASP A 154 11.56 3.28 -14.14
CA ASP A 154 12.43 4.23 -13.42
C ASP A 154 12.07 5.73 -13.57
N TYR A 155 12.56 6.53 -12.61
CA TYR A 155 12.23 7.94 -12.48
C TYR A 155 12.46 8.72 -13.76
N ALA A 156 13.55 8.39 -14.41
CA ALA A 156 13.92 8.90 -15.71
C ALA A 156 12.80 8.78 -16.71
N ILE A 157 12.28 7.52 -16.85
CA ILE A 157 11.15 7.32 -17.76
C ILE A 157 9.86 7.86 -17.19
N CYS A 158 9.65 7.59 -15.90
CA CYS A 158 8.39 7.96 -15.28
C CYS A 158 8.03 9.45 -15.25
N SER A 159 9.06 10.26 -15.05
CA SER A 159 8.95 11.73 -15.11
C SER A 159 9.09 12.30 -16.52
N SER A 160 9.06 11.44 -17.54
CA SER A 160 9.01 11.95 -18.89
C SER A 160 7.61 12.35 -19.27
N SER A 161 7.54 13.35 -20.14
CA SER A 161 6.29 14.03 -20.50
C SER A 161 5.14 13.10 -20.94
N SER A 162 5.53 11.98 -21.58
CA SER A 162 4.65 10.89 -22.06
C SER A 162 4.03 10.06 -20.93
N TYR A 163 4.83 9.96 -19.84
CA TYR A 163 4.36 9.29 -18.65
C TYR A 163 3.73 10.30 -17.70
N TRP A 164 4.22 10.41 -16.48
CA TRP A 164 3.65 11.27 -15.48
C TRP A 164 4.22 12.69 -15.50
N GLY A 165 5.36 12.88 -16.22
CA GLY A 165 6.13 14.15 -16.16
C GLY A 165 6.45 14.61 -14.75
N SER A 166 6.12 15.87 -14.47
CA SER A 166 6.45 16.56 -13.25
C SER A 166 5.66 16.09 -12.01
N THR A 167 4.59 15.31 -12.21
CA THR A 167 3.70 14.95 -11.09
C THR A 167 4.40 13.99 -10.19
N VAL A 168 5.34 13.26 -10.81
CA VAL A 168 6.11 12.29 -10.04
C VAL A 168 7.45 12.88 -9.57
N LYS A 169 7.83 12.51 -8.35
CA LYS A 169 9.04 13.03 -7.64
C LYS A 169 9.95 11.84 -7.40
N ASN A 170 11.21 12.13 -7.09
CA ASN A 170 12.18 11.04 -6.93
C ASN A 170 11.92 10.26 -5.61
N SER A 171 11.01 10.80 -4.75
CA SER A 171 10.56 10.18 -3.51
C SER A 171 9.47 9.16 -3.78
N MET A 172 9.20 8.94 -5.12
CA MET A 172 8.13 7.99 -5.50
C MET A 172 8.75 6.85 -6.27
N VAL A 173 7.97 5.76 -6.41
CA VAL A 173 8.19 4.65 -7.35
C VAL A 173 7.00 4.56 -8.30
N CYS A 174 7.33 4.35 -9.56
CA CYS A 174 6.27 4.01 -10.53
C CYS A 174 6.34 2.53 -10.89
N ALA A 175 5.19 1.84 -10.95
CA ALA A 175 5.20 0.50 -11.44
C ALA A 175 4.01 0.29 -12.33
N GLY A 176 4.22 -0.55 -13.37
CA GLY A 176 3.17 -0.92 -14.31
C GLY A 176 3.04 0.04 -15.48
N GLY A 177 1.84 0.54 -15.76
CA GLY A 177 1.65 1.39 -16.99
C GLY A 177 1.33 0.61 -18.30
N ASP A 178 0.93 -0.67 -18.20
CA ASP A 178 0.60 -1.42 -19.39
C ASP A 178 -0.78 -1.26 -20.04
N GLY A 179 -1.66 -0.47 -19.36
CA GLY A 179 -3.05 -0.32 -19.68
C GLY A 179 -3.91 -1.49 -19.20
N VAL A 180 -3.34 -2.59 -18.70
CA VAL A 180 -4.18 -3.77 -18.32
C VAL A 180 -4.18 -3.99 -16.80
N ARG A 181 -3.03 -3.88 -16.17
CA ARG A 181 -3.11 -4.08 -14.71
C ARG A 181 -2.64 -2.82 -13.96
N SER A 182 -3.20 -2.69 -12.76
CA SER A 182 -2.84 -1.55 -11.89
C SER A 182 -3.37 -1.75 -10.49
N GLY A 183 -3.00 -0.73 -9.65
CA GLY A 183 -3.81 -0.49 -8.48
C GLY A 183 -5.04 0.35 -8.86
N CYS A 184 -5.96 0.43 -7.94
CA CYS A 184 -7.17 1.21 -8.23
C CYS A 184 -7.77 1.59 -6.87
N GLN A 185 -8.94 2.26 -6.81
CA GLN A 185 -9.45 2.76 -5.51
C GLN A 185 -9.65 1.71 -4.44
N GLY A 186 -9.12 1.98 -3.22
CA GLY A 186 -9.19 0.99 -2.13
C GLY A 186 -7.93 0.13 -1.99
N ASP A 187 -6.94 0.33 -2.93
CA ASP A 187 -5.64 -0.28 -2.82
C ASP A 187 -4.65 0.64 -2.15
N SER A 188 -4.95 1.97 -2.20
CA SER A 188 -3.88 2.83 -1.65
C SER A 188 -3.60 2.68 -0.17
N GLY A 189 -2.34 2.83 0.24
CA GLY A 189 -1.92 2.51 1.61
C GLY A 189 -1.16 1.19 1.54
N GLY A 190 -1.56 0.38 0.53
CA GLY A 190 -1.04 -0.98 0.48
C GLY A 190 0.43 -1.09 0.01
N PRO A 191 0.96 -2.34 0.04
CA PRO A 191 2.28 -2.70 -0.45
C PRO A 191 2.48 -2.89 -1.95
N LEU A 192 3.71 -2.55 -2.33
CA LEU A 192 4.38 -2.99 -3.54
C LEU A 192 5.55 -3.86 -3.05
N HIS A 193 5.39 -5.13 -3.35
CA HIS A 193 6.39 -6.17 -2.93
C HIS A 193 7.37 -6.40 -4.07
N CYS A 194 8.65 -6.02 -3.88
CA CYS A 194 9.67 -6.26 -4.95
C CYS A 194 10.76 -7.26 -4.54
N LEU A 195 11.00 -8.18 -5.49
CA LEU A 195 11.96 -9.22 -5.22
C LEU A 195 13.40 -8.71 -5.36
N VAL A 196 14.12 -8.66 -4.25
CA VAL A 196 15.54 -8.29 -4.25
C VAL A 196 16.41 -9.18 -3.39
N ASN A 197 17.42 -9.71 -4.06
CA ASN A 197 18.37 -10.70 -3.44
C ASN A 197 17.59 -11.91 -2.92
N GLY A 198 16.60 -12.28 -3.75
CA GLY A 198 15.82 -13.50 -3.57
C GLY A 198 14.85 -13.39 -2.41
N GLN A 199 14.65 -12.14 -1.91
CA GLN A 199 13.64 -11.88 -0.84
C GLN A 199 12.70 -10.75 -1.26
N TYR A 200 11.39 -10.95 -1.05
CA TYR A 200 10.41 -9.88 -1.25
C TYR A 200 10.52 -8.85 -0.10
N ALA A 201 10.70 -7.61 -0.49
CA ALA A 201 10.64 -6.49 0.43
C ALA A 201 9.64 -5.47 -0.08
N VAL A 202 9.14 -4.70 0.89
CA VAL A 202 8.13 -3.69 0.59
C VAL A 202 8.73 -2.32 0.21
N HIS A 203 8.75 -2.07 -1.12
CA HIS A 203 9.43 -0.87 -1.63
C HIS A 203 8.51 0.29 -1.83
N GLY A 204 7.20 -0.04 -1.98
CA GLY A 204 6.24 1.03 -2.17
C GLY A 204 5.05 0.98 -1.25
N VAL A 205 4.43 2.16 -1.01
CA VAL A 205 3.10 2.36 -0.39
C VAL A 205 2.27 2.97 -1.50
N THR A 206 1.30 2.20 -2.02
CA THR A 206 0.39 2.64 -3.06
C THR A 206 -0.23 4.01 -2.75
N SER A 207 0.00 4.95 -3.64
CA SER A 207 -0.44 6.33 -3.48
C SER A 207 -1.52 6.77 -4.47
N PHE A 208 -1.29 6.73 -5.80
CA PHE A 208 -2.28 7.23 -6.77
C PHE A 208 -2.22 6.59 -8.13
N VAL A 209 -3.28 6.92 -8.91
CA VAL A 209 -3.41 6.62 -10.31
C VAL A 209 -3.96 7.83 -11.04
N SER A 210 -4.06 7.68 -12.37
CA SER A 210 -4.59 8.74 -13.24
C SER A 210 -6.01 9.13 -12.82
N ARG A 211 -6.33 10.40 -13.02
CA ARG A 211 -7.73 10.82 -12.95
C ARG A 211 -8.50 10.13 -14.08
N LEU A 212 -7.77 9.91 -15.17
CA LEU A 212 -8.45 9.31 -16.36
C LEU A 212 -8.95 7.89 -16.07
N GLY A 213 -8.47 7.29 -14.97
CA GLY A 213 -8.73 5.85 -14.74
C GLY A 213 -7.51 5.06 -14.24
N CYS A 214 -7.82 3.85 -13.79
CA CYS A 214 -6.87 3.04 -13.05
C CYS A 214 -5.76 2.41 -13.90
N ASN A 215 -6.23 1.62 -14.85
CA ASN A 215 -5.34 1.02 -15.84
C ASN A 215 -5.21 1.78 -17.17
N VAL A 216 -4.37 2.78 -17.15
CA VAL A 216 -4.11 3.70 -18.27
C VAL A 216 -2.67 3.53 -18.77
N THR A 217 -2.54 3.23 -20.05
CA THR A 217 -1.23 3.02 -20.65
C THR A 217 -0.36 4.25 -20.49
N ARG A 218 0.92 4.00 -20.05
CA ARG A 218 1.90 5.06 -19.71
C ARG A 218 1.39 6.02 -18.63
N LYS A 219 0.46 5.47 -17.82
CA LYS A 219 0.20 6.05 -16.49
C LYS A 219 0.39 5.03 -15.35
N PRO A 220 1.62 4.70 -15.01
CA PRO A 220 1.86 3.71 -13.99
C PRO A 220 1.14 4.02 -12.69
N THR A 221 1.02 2.99 -11.88
CA THR A 221 0.61 3.21 -10.50
C THR A 221 1.81 3.85 -9.76
N VAL A 222 1.49 4.86 -8.91
CA VAL A 222 2.53 5.56 -8.24
C VAL A 222 2.49 5.29 -6.75
N PHE A 223 3.70 5.14 -6.18
CA PHE A 223 3.90 4.69 -4.84
C PHE A 223 4.80 5.64 -4.10
N THR A 224 4.53 5.76 -2.82
CA THR A 224 5.57 6.33 -1.94
C THR A 224 6.78 5.38 -1.88
N ARG A 225 7.98 5.92 -2.22
CA ARG A 225 9.22 5.10 -2.05
C ARG A 225 9.60 4.95 -0.58
N VAL A 226 9.32 3.76 -0.01
CA VAL A 226 9.61 3.51 1.37
C VAL A 226 11.05 3.84 1.79
N SER A 227 12.02 3.49 0.90
CA SER A 227 13.44 3.65 1.25
C SER A 227 13.87 5.10 1.40
N ALA A 228 12.95 6.07 1.13
CA ALA A 228 13.13 7.49 1.37
C ALA A 228 12.79 7.92 2.78
N TYR A 229 12.07 7.04 3.46
CA TYR A 229 11.50 7.40 4.73
C TYR A 229 12.04 6.54 5.83
N ILE A 230 13.01 5.75 5.54
CA ILE A 230 13.48 4.85 6.61
C ILE A 230 13.85 5.48 7.97
N SER A 231 14.62 6.60 7.95
CA SER A 231 14.95 7.33 9.20
C SER A 231 13.67 7.79 9.89
N TRP A 232 12.74 8.33 9.11
CA TRP A 232 11.49 8.82 9.65
C TRP A 232 10.73 7.73 10.39
N ILE A 233 10.59 6.58 9.68
CA ILE A 233 9.87 5.47 10.34
C ILE A 233 10.48 5.07 11.69
N ASN A 234 11.79 5.02 11.65
CA ASN A 234 12.50 4.49 12.82
C ASN A 234 12.51 5.49 13.97
N ASN A 235 12.47 6.76 13.56
CA ASN A 235 12.38 7.84 14.56
C ASN A 235 11.05 7.82 15.27
N VAL A 236 9.96 7.69 14.46
CA VAL A 236 8.60 7.65 15.05
C VAL A 236 8.44 6.47 15.99
N ILE A 237 8.92 5.32 15.53
CA ILE A 237 8.64 4.14 16.36
C ILE A 237 9.39 4.20 17.71
N ALA A 238 10.65 4.67 17.57
CA ALA A 238 11.51 4.85 18.75
C ALA A 238 10.87 5.73 19.81
N SER A 239 10.09 6.67 19.30
CA SER A 239 9.72 7.79 20.11
C SER A 239 8.23 7.76 20.41
N ASN A 240 7.66 6.58 20.11
CA ASN A 240 6.24 6.33 20.38
C ASN A 240 6.06 4.89 20.86
#